data_9DFT
#
_entry.id   9DFT
#
_cell.length_a   121.480
_cell.length_b   121.480
_cell.length_c   213.390
_cell.angle_alpha   90.000
_cell.angle_beta   90.000
_cell.angle_gamma   90.000
#
_symmetry.space_group_name_H-M   'P 41 21 2'
#
loop_
_entity.id
_entity.type
_entity.pdbx_description
1 polymer 'Aggrecan core protein'
2 non-polymer 2-acetamido-2-deoxy-beta-D-glucopyranose
3 non-polymer 'SULFATE ION'
#
_entity_poly.entity_id   1
_entity_poly.type   'polypeptide(L)'
_entity_poly.pdbx_seq_one_letter_code
;GPGSETSDHDNSLSVSIPQPSPLRVLLGTSLTIPCYFIDPMHPVTTAPSTAPLAPRIKWSRVSKEKEVVLLVATEGRVRV
NSAYQDKVSLPNYPAIPSDATLEVQSLRSNDSGVYRCEVMHGIEDSEATLEVVVKGIVFHYRAISTRYTLDFDRAQRACL
QNSAIIATPEQLQAAYEDGFHQCDAGWLADQTVRYPIHTPREGCYGDKDEFPGVRTYGIRDTNETYDVYCFAEEMEGEVF
YATSPEKFTFQEAANECRRLGARLATTGQLYLAWQAGMDMCSAGWLADRSVRYPISKARPNCGGNLLGVRTVYVHANQTG
YPDPSSRYDAICYTG
;
_entity_poly.pdbx_strand_id   A,B
#
# COMPACT_ATOMS: atom_id res chain seq x y z
N LEU A 13 16.22 26.84 -9.22
CA LEU A 13 15.79 25.51 -8.83
C LEU A 13 15.30 24.72 -10.04
N SER A 14 15.43 23.39 -9.98
CA SER A 14 15.06 22.52 -11.08
C SER A 14 13.85 21.68 -10.70
N VAL A 15 12.98 21.41 -11.66
CA VAL A 15 11.78 20.59 -11.46
C VAL A 15 11.69 19.58 -12.59
N SER A 16 11.34 18.34 -12.26
CA SER A 16 11.27 17.28 -13.25
C SER A 16 10.11 16.35 -12.94
N ILE A 17 9.40 15.94 -13.99
CA ILE A 17 8.43 14.85 -13.93
C ILE A 17 8.93 13.76 -14.87
N PRO A 18 9.65 12.76 -14.37
CA PRO A 18 10.25 11.73 -15.24
C PRO A 18 9.26 10.68 -15.70
N GLN A 19 8.39 11.06 -16.64
CA GLN A 19 7.39 10.13 -17.16
C GLN A 19 6.98 10.59 -18.54
N PRO A 20 6.84 9.67 -19.51
CA PRO A 20 6.39 10.06 -20.85
C PRO A 20 5.05 10.76 -20.81
N SER A 21 4.85 11.68 -21.76
CA SER A 21 3.71 12.60 -21.69
C SER A 21 2.36 11.88 -21.70
N PRO A 22 2.05 10.98 -22.64
CA PRO A 22 0.71 10.35 -22.57
C PRO A 22 0.61 9.23 -21.53
N LEU A 23 0.44 9.63 -20.28
CA LEU A 23 0.29 8.66 -19.19
C LEU A 23 -1.15 8.17 -19.16
N ARG A 24 -1.34 6.86 -19.36
CA ARG A 24 -2.66 6.27 -19.49
C ARG A 24 -2.95 5.39 -18.28
N VAL A 25 -4.10 5.64 -17.64
CA VAL A 25 -4.51 4.91 -16.46
C VAL A 25 -5.99 4.55 -16.62
N LEU A 26 -6.41 3.51 -15.90
CA LEU A 26 -7.77 3.03 -16.04
C LEU A 26 -8.74 3.84 -15.19
N LEU A 27 -10.03 3.55 -15.37
CA LEU A 27 -11.07 4.22 -14.61
C LEU A 27 -11.19 3.59 -13.23
N GLY A 28 -11.24 4.43 -12.20
CA GLY A 28 -11.36 3.96 -10.84
C GLY A 28 -10.06 3.54 -10.18
N THR A 29 -8.98 3.39 -10.93
CA THR A 29 -7.70 3.02 -10.35
C THR A 29 -7.02 4.27 -9.78
N SER A 30 -5.78 4.12 -9.32
CA SER A 30 -5.03 5.22 -8.74
C SER A 30 -3.97 5.71 -9.72
N LEU A 31 -3.33 6.82 -9.35
CA LEU A 31 -2.41 7.53 -10.21
C LEU A 31 -1.26 8.08 -9.38
N THR A 32 -0.04 7.95 -9.89
CA THR A 32 1.16 8.47 -9.23
C THR A 32 2.00 9.22 -10.25
N ILE A 33 2.15 10.51 -10.04
CA ILE A 33 2.96 11.37 -10.90
C ILE A 33 4.23 11.73 -10.14
N PRO A 34 5.41 11.25 -10.57
CA PRO A 34 6.65 11.61 -9.88
C PRO A 34 7.09 13.02 -10.23
N CYS A 35 7.38 13.82 -9.21
CA CYS A 35 7.89 15.18 -9.39
C CYS A 35 9.02 15.39 -8.40
N TYR A 36 10.22 15.62 -8.91
CA TYR A 36 11.40 15.83 -8.08
C TYR A 36 12.01 17.18 -8.40
N PHE A 37 12.41 17.91 -7.36
CA PHE A 37 12.97 19.25 -7.53
C PHE A 37 14.26 19.40 -6.74
N ILE A 38 15.14 20.24 -7.27
CA ILE A 38 16.42 20.57 -6.65
C ILE A 38 16.41 22.05 -6.31
N ASP A 39 16.71 22.38 -5.05
CA ASP A 39 16.72 23.76 -4.57
C ASP A 39 18.14 24.14 -4.15
N PRO A 40 18.84 24.98 -4.91
CA PRO A 40 20.22 25.41 -4.63
C PRO A 40 20.38 26.08 -3.27
N PRO A 55 10.52 26.80 0.80
CA PRO A 55 10.07 26.22 -0.47
C PRO A 55 8.58 25.89 -0.46
N ARG A 56 7.94 25.94 -1.63
CA ARG A 56 6.50 25.75 -1.75
C ARG A 56 6.20 24.96 -3.02
N ILE A 57 5.31 23.97 -2.89
CA ILE A 57 4.90 23.11 -3.98
C ILE A 57 3.44 23.40 -4.31
N LYS A 58 3.10 23.39 -5.59
CA LYS A 58 1.72 23.55 -6.02
C LYS A 58 1.42 22.55 -7.12
N TRP A 59 0.37 21.77 -6.93
CA TRP A 59 -0.13 20.84 -7.93
C TRP A 59 -1.46 21.36 -8.45
N SER A 60 -1.54 21.54 -9.77
CA SER A 60 -2.74 22.00 -10.43
C SER A 60 -3.05 21.10 -11.63
N ARG A 61 -4.20 21.32 -12.25
CA ARG A 61 -4.63 20.48 -13.37
C ARG A 61 -5.41 21.31 -14.37
N VAL A 62 -4.95 21.34 -15.61
CA VAL A 62 -5.66 21.98 -16.71
C VAL A 62 -6.48 20.91 -17.43
N SER A 63 -7.79 21.11 -17.48
CA SER A 63 -8.70 20.23 -18.20
C SER A 63 -9.49 21.07 -19.19
N LYS A 64 -9.24 20.87 -20.48
CA LYS A 64 -9.83 21.67 -21.55
C LYS A 64 -9.47 23.14 -21.36
N GLU A 65 -10.44 23.94 -20.92
CA GLU A 65 -10.18 25.36 -20.65
C GLU A 65 -10.10 25.69 -19.17
N LYS A 66 -10.62 24.83 -18.30
CA LYS A 66 -10.63 25.06 -16.87
C LYS A 66 -9.38 24.50 -16.23
N GLU A 67 -8.80 25.26 -15.30
CA GLU A 67 -7.65 24.81 -14.51
C GLU A 67 -8.02 24.84 -13.04
N VAL A 68 -7.72 23.75 -12.34
CA VAL A 68 -8.08 23.59 -10.93
C VAL A 68 -6.80 23.33 -10.14
N VAL A 69 -6.58 24.15 -9.11
CA VAL A 69 -5.45 23.94 -8.21
C VAL A 69 -5.76 22.76 -7.30
N LEU A 70 -4.95 21.71 -7.38
CA LEU A 70 -5.19 20.52 -6.58
C LEU A 70 -4.72 20.71 -5.14
N LEU A 71 -3.47 21.11 -4.94
CA LEU A 71 -2.97 21.26 -3.58
C LEU A 71 -1.79 22.22 -3.55
N VAL A 72 -1.50 22.71 -2.34
CA VAL A 72 -0.36 23.58 -2.08
C VAL A 72 0.30 23.11 -0.79
N ALA A 73 1.59 22.82 -0.85
CA ALA A 73 2.32 22.30 0.31
C ALA A 73 3.50 23.22 0.63
N THR A 74 3.79 23.35 1.92
CA THR A 74 4.95 24.12 2.38
C THR A 74 5.19 23.81 3.85
N GLU A 75 6.47 23.84 4.22
CA GLU A 75 6.92 23.68 5.61
C GLU A 75 6.25 22.47 6.27
N GLY A 76 6.23 21.36 5.53
CA GLY A 76 5.72 20.10 6.06
C GLY A 76 4.22 19.92 6.02
N ARG A 77 3.46 20.98 5.75
CA ARG A 77 2.01 20.90 5.76
C ARG A 77 1.45 21.02 4.35
N VAL A 78 0.43 20.23 4.05
CA VAL A 78 -0.22 20.20 2.75
C VAL A 78 -1.67 20.66 2.90
N ARG A 79 -2.06 21.65 2.11
CA ARG A 79 -3.43 22.14 2.06
C ARG A 79 -4.03 21.70 0.73
N VAL A 80 -5.09 20.90 0.81
CA VAL A 80 -5.68 20.23 -0.35
C VAL A 80 -6.96 20.94 -0.74
N ASN A 81 -7.24 21.00 -2.05
CA ASN A 81 -8.51 21.51 -2.53
C ASN A 81 -9.67 20.79 -1.85
N SER A 82 -10.74 21.53 -1.57
CA SER A 82 -11.88 20.95 -0.87
C SER A 82 -12.54 19.85 -1.68
N ALA A 83 -12.67 20.05 -3.00
CA ALA A 83 -13.31 19.05 -3.84
C ALA A 83 -12.47 17.78 -3.94
N TYR A 84 -11.15 17.90 -3.81
CA TYR A 84 -10.23 16.76 -3.92
C TYR A 84 -9.75 16.27 -2.55
N GLN A 85 -10.54 16.50 -1.50
CA GLN A 85 -10.20 15.99 -0.19
C GLN A 85 -10.27 14.46 -0.20
N ASP A 86 -9.27 13.84 0.44
CA ASP A 86 -9.09 12.39 0.44
C ASP A 86 -8.89 11.83 -0.96
N LYS A 87 -8.52 12.68 -1.92
CA LYS A 87 -8.32 12.25 -3.30
C LYS A 87 -6.90 12.47 -3.79
N VAL A 88 -6.28 13.60 -3.44
CA VAL A 88 -4.91 13.89 -3.84
C VAL A 88 -4.04 14.00 -2.60
N SER A 89 -2.76 13.67 -2.75
CA SER A 89 -1.83 13.66 -1.63
C SER A 89 -0.41 13.67 -2.16
N LEU A 90 0.53 13.95 -1.26
CA LEU A 90 1.96 13.87 -1.53
C LEU A 90 2.54 12.75 -0.67
N PRO A 91 2.63 11.53 -1.18
CA PRO A 91 2.98 10.39 -0.32
C PRO A 91 4.37 10.47 0.28
N ASN A 92 5.36 10.95 -0.47
CA ASN A 92 6.74 11.00 0.00
C ASN A 92 7.10 12.33 0.63
N TYR A 93 6.15 13.25 0.77
CA TYR A 93 6.34 14.55 1.40
C TYR A 93 5.62 14.62 2.73
N PRO A 94 6.21 15.23 3.76
CA PRO A 94 7.53 15.87 3.79
C PRO A 94 8.64 14.94 4.31
N ALA A 95 8.40 13.63 4.33
CA ALA A 95 9.46 12.69 4.72
C ALA A 95 10.68 12.85 3.82
N ILE A 96 10.45 12.99 2.52
CA ILE A 96 11.50 13.40 1.58
C ILE A 96 11.12 14.79 1.09
N PRO A 97 11.67 15.85 1.69
CA PRO A 97 11.20 17.21 1.35
C PRO A 97 11.52 17.63 -0.07
N SER A 98 12.34 16.87 -0.80
CA SER A 98 12.66 17.16 -2.19
C SER A 98 11.92 16.26 -3.17
N ASP A 99 10.84 15.62 -2.72
CA ASP A 99 10.05 14.72 -3.56
C ASP A 99 8.60 15.19 -3.54
N ALA A 100 8.18 15.87 -4.60
CA ALA A 100 6.82 16.37 -4.74
C ALA A 100 5.92 15.40 -5.49
N THR A 101 6.13 14.10 -5.32
CA THR A 101 5.32 13.11 -6.02
C THR A 101 3.86 13.24 -5.61
N LEU A 102 2.97 13.22 -6.60
CA LEU A 102 1.53 13.36 -6.37
C LEU A 102 0.85 12.01 -6.53
N GLU A 103 -0.14 11.76 -5.68
CA GLU A 103 -0.99 10.58 -5.78
C GLU A 103 -2.45 11.03 -5.86
N VAL A 104 -3.16 10.50 -6.86
CA VAL A 104 -4.56 10.82 -7.09
C VAL A 104 -5.34 9.51 -7.09
N GLN A 105 -6.33 9.41 -6.21
CA GLN A 105 -7.10 8.18 -6.04
C GLN A 105 -8.47 8.31 -6.69
N SER A 106 -9.09 7.14 -6.91
CA SER A 106 -10.45 7.04 -7.47
C SER A 106 -10.58 7.86 -8.75
N LEU A 107 -9.80 7.47 -9.76
CA LEU A 107 -9.71 8.22 -11.00
C LEU A 107 -11.01 8.13 -11.78
N ARG A 108 -11.76 9.23 -11.81
CA ARG A 108 -12.84 9.37 -12.77
C ARG A 108 -12.29 9.89 -14.09
N SER A 109 -13.04 9.68 -15.16
CA SER A 109 -12.60 10.10 -16.49
C SER A 109 -12.40 11.61 -16.58
N ASN A 110 -12.95 12.36 -15.62
CA ASN A 110 -12.71 13.80 -15.56
C ASN A 110 -11.26 14.10 -15.24
N ASP A 111 -10.63 13.28 -14.40
CA ASP A 111 -9.28 13.52 -13.91
C ASP A 111 -8.24 13.55 -15.02
N SER A 112 -8.66 13.28 -16.26
CA SER A 112 -7.77 13.46 -17.39
C SER A 112 -7.42 14.94 -17.55
N GLY A 113 -6.31 15.20 -18.22
CA GLY A 113 -5.82 16.55 -18.42
C GLY A 113 -4.36 16.67 -18.07
N VAL A 114 -3.85 17.89 -18.18
CA VAL A 114 -2.43 18.16 -18.00
C VAL A 114 -2.21 18.62 -16.56
N TYR A 115 -1.52 17.81 -15.78
CA TYR A 115 -1.16 18.15 -14.41
C TYR A 115 0.13 18.96 -14.40
N ARG A 116 0.16 19.98 -13.55
CA ARG A 116 1.29 20.90 -13.39
C ARG A 116 1.84 20.76 -11.97
N CYS A 117 3.13 20.43 -11.88
CA CYS A 117 3.88 20.47 -10.64
C CYS A 117 4.79 21.69 -10.66
N GLU A 118 4.55 22.64 -9.76
CA GLU A 118 5.28 23.89 -9.74
C GLU A 118 5.92 24.10 -8.38
N VAL A 119 7.24 24.19 -8.35
CA VAL A 119 8.00 24.44 -7.12
C VAL A 119 8.53 25.87 -7.17
N MET A 120 8.34 26.59 -6.07
CA MET A 120 8.73 27.99 -5.99
C MET A 120 9.45 28.24 -4.67
N HIS A 121 10.50 29.06 -4.73
CA HIS A 121 11.24 29.46 -3.54
C HIS A 121 11.70 30.90 -3.74
N GLY A 122 11.26 31.78 -2.85
CA GLY A 122 11.59 33.19 -2.93
C GLY A 122 11.18 33.83 -4.24
N ILE A 123 12.15 34.07 -5.12
CA ILE A 123 11.87 34.66 -6.42
C ILE A 123 11.93 33.65 -7.56
N GLU A 124 12.47 32.45 -7.31
CA GLU A 124 12.57 31.44 -8.35
C GLU A 124 11.33 30.55 -8.35
N ASP A 125 10.98 30.06 -9.54
CA ASP A 125 9.95 29.04 -9.65
C ASP A 125 10.15 28.27 -10.94
N SER A 126 9.92 26.96 -10.87
CA SER A 126 10.00 26.09 -12.03
C SER A 126 8.80 25.16 -12.03
N GLU A 127 8.51 24.59 -13.19
CA GLU A 127 7.31 23.80 -13.37
C GLU A 127 7.58 22.63 -14.32
N ALA A 128 6.70 21.64 -14.24
CA ALA A 128 6.71 20.51 -15.16
C ALA A 128 5.29 20.02 -15.34
N THR A 129 5.00 19.50 -16.53
CA THR A 129 3.65 19.10 -16.90
C THR A 129 3.62 17.64 -17.30
N LEU A 130 2.42 17.05 -17.21
CA LEU A 130 2.22 15.68 -17.64
C LEU A 130 0.75 15.46 -17.98
N GLU A 131 0.49 14.93 -19.17
CA GLU A 131 -0.88 14.63 -19.57
C GLU A 131 -1.32 13.28 -19.03
N VAL A 132 -2.53 13.23 -18.50
CA VAL A 132 -3.11 12.01 -17.96
C VAL A 132 -4.38 11.69 -18.76
N VAL A 133 -4.46 10.47 -19.26
CA VAL A 133 -5.59 10.00 -20.06
C VAL A 133 -6.23 8.84 -19.32
N VAL A 134 -7.38 9.08 -18.71
CA VAL A 134 -8.10 8.05 -17.97
C VAL A 134 -8.95 7.27 -18.97
N LYS A 135 -8.52 6.05 -19.28
CA LYS A 135 -9.18 5.24 -20.30
C LYS A 135 -10.29 4.40 -19.67
N GLY A 136 -11.20 3.92 -20.52
CA GLY A 136 -12.29 3.07 -20.10
C GLY A 136 -13.60 3.83 -19.98
N ILE A 137 -14.70 3.07 -20.06
CA ILE A 137 -16.03 3.64 -19.94
C ILE A 137 -16.97 2.56 -19.41
N VAL A 138 -17.88 2.96 -18.52
CA VAL A 138 -18.81 2.02 -17.90
C VAL A 138 -20.17 2.19 -18.56
N PHE A 139 -20.76 1.09 -19.00
CA PHE A 139 -22.03 1.13 -19.71
C PHE A 139 -22.91 -0.04 -19.29
N HIS A 140 -24.20 0.16 -19.42
CA HIS A 140 -25.19 -0.85 -19.05
C HIS A 140 -25.39 -1.83 -20.18
N TYR A 141 -25.72 -3.08 -19.82
CA TYR A 141 -26.08 -4.06 -20.83
C TYR A 141 -27.24 -4.90 -20.31
N ARG A 142 -28.21 -5.10 -21.21
CA ARG A 142 -29.40 -5.90 -21.01
C ARG A 142 -29.68 -6.51 -22.39
N ALA A 143 -29.35 -7.79 -22.55
CA ALA A 143 -29.29 -8.40 -23.88
C ALA A 143 -30.60 -8.26 -24.64
N ILE A 144 -31.73 -8.43 -23.95
CA ILE A 144 -33.05 -8.26 -24.55
C ILE A 144 -33.79 -7.19 -23.75
N SER A 145 -34.98 -6.84 -24.24
CA SER A 145 -35.79 -5.84 -23.54
C SER A 145 -36.27 -6.33 -22.18
N THR A 146 -36.21 -7.64 -21.93
CA THR A 146 -36.64 -8.18 -20.65
C THR A 146 -35.67 -7.77 -19.55
N ARG A 147 -36.21 -7.25 -18.45
CA ARG A 147 -35.40 -6.76 -17.35
C ARG A 147 -34.86 -7.90 -16.50
N TYR A 148 -33.65 -7.71 -15.99
CA TYR A 148 -33.03 -8.59 -15.00
C TYR A 148 -33.12 -10.06 -15.41
N THR A 149 -32.28 -10.43 -16.38
CA THR A 149 -32.30 -11.78 -16.93
C THR A 149 -30.92 -12.46 -16.85
N LEU A 150 -29.94 -11.84 -16.22
CA LEU A 150 -28.57 -12.34 -16.22
C LEU A 150 -28.17 -12.71 -14.80
N ASP A 151 -27.78 -13.97 -14.60
CA ASP A 151 -27.09 -14.32 -13.37
C ASP A 151 -25.66 -13.79 -13.45
N PHE A 152 -24.88 -14.03 -12.39
CA PHE A 152 -23.53 -13.48 -12.31
C PHE A 152 -22.67 -13.95 -13.49
N ASP A 153 -22.63 -15.26 -13.73
CA ASP A 153 -21.80 -15.82 -14.79
C ASP A 153 -22.21 -15.29 -16.16
N ARG A 154 -23.51 -15.38 -16.47
CA ARG A 154 -23.96 -14.93 -17.78
C ARG A 154 -23.89 -13.41 -17.93
N ALA A 155 -23.94 -12.66 -16.82
CA ALA A 155 -23.69 -11.23 -16.89
C ALA A 155 -22.24 -10.96 -17.31
N GLN A 156 -21.30 -11.66 -16.69
CA GLN A 156 -19.91 -11.57 -17.13
C GLN A 156 -19.77 -11.96 -18.60
N ARG A 157 -20.48 -13.01 -19.02
CA ARG A 157 -20.42 -13.45 -20.40
C ARG A 157 -20.95 -12.40 -21.36
N ALA A 158 -22.02 -11.71 -20.97
CA ALA A 158 -22.56 -10.63 -21.79
C ALA A 158 -21.55 -9.49 -21.92
N CYS A 159 -20.93 -9.11 -20.81
CA CYS A 159 -19.90 -8.08 -20.86
C CYS A 159 -18.76 -8.50 -21.79
N LEU A 160 -18.36 -9.78 -21.72
CA LEU A 160 -17.29 -10.26 -22.60
C LEU A 160 -17.72 -10.23 -24.06
N GLN A 161 -18.98 -10.58 -24.35
CA GLN A 161 -19.47 -10.57 -25.72
C GLN A 161 -19.70 -9.16 -26.26
N ASN A 162 -19.74 -8.15 -25.40
CA ASN A 162 -19.84 -6.76 -25.85
C ASN A 162 -18.52 -6.02 -25.71
N SER A 163 -17.41 -6.73 -25.93
CA SER A 163 -16.07 -6.14 -25.94
C SER A 163 -15.78 -5.36 -24.66
N ALA A 164 -15.97 -6.02 -23.53
CA ALA A 164 -15.79 -5.39 -22.23
C ALA A 164 -15.63 -6.47 -21.17
N ILE A 165 -15.39 -6.03 -19.94
CA ILE A 165 -15.40 -6.90 -18.78
C ILE A 165 -16.56 -6.45 -17.88
N ILE A 166 -16.84 -7.25 -16.86
CA ILE A 166 -17.82 -6.84 -15.86
C ILE A 166 -17.20 -5.75 -15.00
N ALA A 167 -17.93 -4.65 -14.82
CA ALA A 167 -17.36 -3.47 -14.20
C ALA A 167 -17.14 -3.68 -12.70
N THR A 168 -16.04 -3.12 -12.20
CA THR A 168 -15.78 -3.11 -10.78
C THR A 168 -16.59 -1.99 -10.11
N PRO A 169 -16.89 -2.13 -8.82
CA PRO A 169 -17.64 -1.06 -8.14
C PRO A 169 -16.92 0.28 -8.14
N GLU A 170 -15.59 0.28 -8.18
CA GLU A 170 -14.86 1.55 -8.28
C GLU A 170 -15.10 2.21 -9.62
N GLN A 171 -15.15 1.43 -10.70
CA GLN A 171 -15.43 1.99 -12.01
C GLN A 171 -16.84 2.57 -12.07
N LEU A 172 -17.82 1.87 -11.47
CA LEU A 172 -19.18 2.39 -11.43
C LEU A 172 -19.26 3.65 -10.58
N GLN A 173 -18.49 3.70 -9.48
CA GLN A 173 -18.46 4.91 -8.66
C GLN A 173 -17.89 6.09 -9.44
N ALA A 174 -16.81 5.87 -10.19
CA ALA A 174 -16.25 6.93 -11.02
C ALA A 174 -17.24 7.37 -12.10
N ALA A 175 -17.93 6.41 -12.71
CA ALA A 175 -18.94 6.75 -13.71
C ALA A 175 -20.04 7.60 -13.10
N TYR A 176 -20.51 7.25 -11.90
CA TYR A 176 -21.52 8.06 -11.23
C TYR A 176 -20.99 9.45 -10.93
N GLU A 177 -19.75 9.56 -10.45
CA GLU A 177 -19.15 10.86 -10.22
C GLU A 177 -19.03 11.67 -11.50
N ASP A 178 -18.98 11.00 -12.66
CA ASP A 178 -18.93 11.70 -13.93
C ASP A 178 -20.31 12.08 -14.46
N GLY A 179 -21.37 11.48 -13.93
CA GLY A 179 -22.71 11.86 -14.33
C GLY A 179 -23.60 10.71 -14.76
N PHE A 180 -23.10 9.48 -14.63
CA PHE A 180 -23.87 8.32 -15.04
C PHE A 180 -25.01 8.07 -14.07
N HIS A 181 -26.22 7.87 -14.60
CA HIS A 181 -27.37 7.59 -13.76
C HIS A 181 -28.32 6.67 -14.50
N GLN A 182 -28.70 5.57 -13.86
CA GLN A 182 -29.64 4.63 -14.44
C GLN A 182 -30.26 3.81 -13.33
N CYS A 183 -31.59 3.84 -13.22
CA CYS A 183 -32.30 3.10 -12.19
C CYS A 183 -32.56 1.68 -12.67
N ASP A 184 -31.46 0.95 -12.86
CA ASP A 184 -31.50 -0.45 -13.28
C ASP A 184 -30.40 -1.19 -12.53
N ALA A 185 -30.80 -2.13 -11.67
CA ALA A 185 -29.84 -2.89 -10.90
C ALA A 185 -29.05 -3.83 -11.81
N GLY A 186 -27.74 -3.90 -11.60
CA GLY A 186 -26.88 -4.72 -12.43
C GLY A 186 -25.73 -5.30 -11.64
N TRP A 187 -25.22 -6.42 -12.13
CA TRP A 187 -24.11 -7.10 -11.47
C TRP A 187 -22.83 -6.29 -11.59
N LEU A 188 -21.90 -6.56 -10.68
CA LEU A 188 -20.55 -6.00 -10.70
C LEU A 188 -19.55 -7.12 -10.45
N ALA A 189 -18.26 -6.77 -10.48
CA ALA A 189 -17.22 -7.77 -10.38
C ALA A 189 -17.21 -8.44 -9.01
N ASP A 190 -17.48 -7.67 -7.95
CA ASP A 190 -17.42 -8.17 -6.58
C ASP A 190 -18.69 -8.91 -6.15
N GLN A 191 -19.48 -9.41 -7.10
CA GLN A 191 -20.74 -10.11 -6.88
C GLN A 191 -21.80 -9.22 -6.22
N THR A 192 -21.62 -7.91 -6.22
CA THR A 192 -22.64 -7.00 -5.73
C THR A 192 -23.51 -6.52 -6.88
N VAL A 193 -24.69 -6.04 -6.54
CA VAL A 193 -25.67 -5.54 -7.51
C VAL A 193 -25.99 -4.09 -7.13
N ARG A 194 -25.62 -3.16 -8.02
CA ARG A 194 -25.70 -1.74 -7.71
C ARG A 194 -26.28 -0.98 -8.90
N TYR A 195 -26.52 0.32 -8.69
CA TYR A 195 -26.98 1.24 -9.72
C TYR A 195 -26.83 2.68 -9.26
N PRO A 196 -26.35 3.57 -10.13
CA PRO A 196 -26.11 4.97 -9.74
C PRO A 196 -27.29 5.87 -10.04
N ILE A 197 -27.48 6.86 -9.15
CA ILE A 197 -28.61 7.78 -9.26
C ILE A 197 -28.20 9.12 -8.67
N HIS A 198 -28.46 10.21 -9.39
CA HIS A 198 -28.20 11.57 -8.94
C HIS A 198 -29.44 12.25 -8.34
N THR A 199 -30.60 12.08 -8.96
CA THR A 199 -31.85 12.60 -8.41
C THR A 199 -32.75 11.41 -8.06
N PRO A 200 -32.92 11.09 -6.78
CA PRO A 200 -33.69 9.90 -6.41
C PRO A 200 -35.13 10.00 -6.85
N ARG A 201 -35.62 8.94 -7.49
CA ARG A 201 -36.97 8.85 -8.02
C ARG A 201 -37.78 7.84 -7.22
N GLU A 202 -39.10 7.94 -7.35
CA GLU A 202 -39.99 6.94 -6.74
C GLU A 202 -39.67 5.56 -7.30
N GLY A 203 -39.40 4.62 -6.41
CA GLY A 203 -38.95 3.30 -6.83
C GLY A 203 -37.49 3.23 -7.19
N CYS A 204 -36.68 4.21 -6.73
CA CYS A 204 -35.26 4.25 -7.05
C CYS A 204 -34.44 4.77 -5.88
N TYR A 205 -34.93 4.62 -4.65
CA TYR A 205 -34.23 5.17 -3.49
C TYR A 205 -33.15 4.22 -2.97
N GLY A 206 -33.47 2.93 -2.86
CA GLY A 206 -32.50 1.94 -2.45
C GLY A 206 -32.05 2.06 -1.01
N ASP A 207 -30.74 2.21 -0.80
CA ASP A 207 -30.16 2.31 0.53
C ASP A 207 -29.61 3.70 0.84
N LYS A 208 -29.86 4.68 -0.04
CA LYS A 208 -29.39 6.04 0.18
C LYS A 208 -30.52 7.00 0.52
N ASP A 209 -31.73 6.48 0.75
CA ASP A 209 -32.92 7.29 1.06
C ASP A 209 -33.14 8.24 -0.13
N GLU A 210 -33.39 9.52 0.10
CA GLU A 210 -33.56 10.49 -0.98
C GLU A 210 -32.26 11.24 -1.27
N PHE A 211 -31.12 10.69 -0.87
CA PHE A 211 -29.80 11.26 -1.12
C PHE A 211 -29.16 10.60 -2.34
N PRO A 212 -28.43 11.35 -3.14
CA PRO A 212 -27.82 10.78 -4.34
C PRO A 212 -26.67 9.84 -4.02
N GLY A 213 -26.40 8.94 -4.94
CA GLY A 213 -25.29 8.01 -4.77
C GLY A 213 -25.49 6.77 -5.61
N VAL A 214 -24.62 5.79 -5.36
CA VAL A 214 -24.67 4.50 -6.03
C VAL A 214 -25.34 3.53 -5.07
N ARG A 215 -26.62 3.26 -5.29
CA ARG A 215 -27.33 2.31 -4.45
C ARG A 215 -26.79 0.90 -4.66
N THR A 216 -26.73 0.13 -3.58
CA THR A 216 -26.18 -1.22 -3.62
C THR A 216 -27.12 -2.17 -2.89
N TYR A 217 -27.16 -3.41 -3.38
CA TYR A 217 -27.90 -4.48 -2.73
C TYR A 217 -26.98 -5.45 -1.99
N GLY A 218 -25.70 -5.12 -1.86
CA GLY A 218 -24.76 -6.00 -1.21
C GLY A 218 -24.42 -7.21 -2.07
N ILE A 219 -23.65 -8.12 -1.47
CA ILE A 219 -23.31 -9.37 -2.13
C ILE A 219 -24.59 -10.17 -2.34
N ARG A 220 -24.78 -10.69 -3.56
CA ARG A 220 -25.94 -11.47 -3.89
C ARG A 220 -25.51 -12.86 -4.37
N ASP A 221 -26.45 -13.80 -4.29
CA ASP A 221 -26.18 -15.16 -4.72
C ASP A 221 -25.81 -15.21 -6.19
N THR A 222 -24.87 -16.10 -6.53
CA THR A 222 -24.37 -16.22 -7.90
C THR A 222 -25.47 -16.52 -8.91
N ASN A 223 -26.68 -16.88 -8.47
CA ASN A 223 -27.74 -17.32 -9.37
C ASN A 223 -28.95 -16.38 -9.35
N GLU A 224 -28.76 -15.14 -8.90
CA GLU A 224 -29.81 -14.13 -8.99
C GLU A 224 -29.69 -13.37 -10.30
N THR A 225 -30.83 -13.03 -10.90
CA THR A 225 -30.87 -12.44 -12.23
C THR A 225 -31.01 -10.93 -12.14
N TYR A 226 -30.08 -10.22 -12.77
CA TYR A 226 -30.13 -8.77 -12.89
C TYR A 226 -29.61 -8.39 -14.28
N ASP A 227 -29.44 -7.10 -14.51
CA ASP A 227 -28.78 -6.61 -15.71
C ASP A 227 -27.26 -6.68 -15.47
N VAL A 228 -26.47 -6.00 -16.30
CA VAL A 228 -25.04 -5.98 -16.01
C VAL A 228 -24.47 -4.60 -16.34
N TYR A 229 -23.44 -4.23 -15.59
CA TYR A 229 -22.65 -3.03 -15.85
C TYR A 229 -21.27 -3.48 -16.32
N CYS A 230 -20.92 -3.13 -17.56
CA CYS A 230 -19.68 -3.53 -18.19
C CYS A 230 -18.71 -2.36 -18.26
N PHE A 231 -17.43 -2.71 -18.38
CA PHE A 231 -16.34 -1.73 -18.47
C PHE A 231 -15.56 -2.00 -19.76
N ALA A 232 -15.68 -1.09 -20.72
CA ALA A 232 -14.95 -1.19 -21.98
C ALA A 232 -13.68 -0.34 -21.85
N GLU A 233 -12.52 -0.99 -21.93
CA GLU A 233 -11.24 -0.33 -21.72
C GLU A 233 -10.71 0.34 -22.99
N GLU A 234 -10.40 -0.47 -24.02
CA GLU A 234 -9.75 0.05 -25.21
C GLU A 234 -10.44 -0.53 -26.44
N MET A 235 -10.09 0.03 -27.60
CA MET A 235 -10.67 -0.38 -28.88
C MET A 235 -9.63 -0.10 -29.96
N GLU A 236 -9.10 -1.16 -30.58
CA GLU A 236 -8.02 -0.99 -31.53
C GLU A 236 -8.52 -0.51 -32.89
N GLY A 237 -9.66 -1.02 -33.34
CA GLY A 237 -10.19 -0.68 -34.64
C GLY A 237 -10.98 0.62 -34.63
N GLU A 238 -11.76 0.82 -35.69
CA GLU A 238 -12.57 2.01 -35.87
C GLU A 238 -14.04 1.63 -36.01
N VAL A 239 -14.90 2.57 -35.65
CA VAL A 239 -16.35 2.39 -35.72
C VAL A 239 -16.91 3.43 -36.67
N PHE A 240 -17.81 3.00 -37.56
CA PHE A 240 -18.35 3.91 -38.56
C PHE A 240 -19.79 3.51 -38.91
N TYR A 241 -20.46 4.44 -39.59
CA TYR A 241 -21.81 4.24 -40.10
C TYR A 241 -21.74 3.84 -41.57
N ALA A 242 -22.29 2.67 -41.88
CA ALA A 242 -22.51 2.24 -43.27
C ALA A 242 -24.01 2.32 -43.53
N THR A 243 -24.40 3.12 -44.53
CA THR A 243 -25.80 3.38 -44.81
C THR A 243 -26.12 3.07 -46.26
N SER A 244 -27.40 3.13 -46.58
CA SER A 244 -27.90 2.91 -47.93
C SER A 244 -29.16 3.73 -48.10
N PRO A 245 -29.61 3.95 -49.35
CA PRO A 245 -30.83 4.75 -49.56
C PRO A 245 -32.06 4.19 -48.84
N GLU A 246 -32.11 2.88 -48.60
CA GLU A 246 -33.24 2.28 -47.90
C GLU A 246 -32.82 1.68 -46.55
N LYS A 247 -31.69 2.13 -45.99
CA LYS A 247 -31.18 1.60 -44.74
C LYS A 247 -30.97 0.09 -44.83
N PHE A 248 -30.99 -0.60 -43.70
CA PHE A 248 -30.78 -2.04 -43.69
C PHE A 248 -31.66 -2.70 -42.64
N THR A 249 -32.19 -3.88 -42.97
CA THR A 249 -32.63 -4.79 -41.93
C THR A 249 -31.40 -5.30 -41.18
N PHE A 250 -31.61 -5.92 -40.02
CA PHE A 250 -30.49 -6.32 -39.19
C PHE A 250 -29.56 -7.27 -39.94
N GLN A 251 -30.13 -8.28 -40.61
CA GLN A 251 -29.30 -9.20 -41.38
C GLN A 251 -28.58 -8.46 -42.51
N GLU A 252 -29.28 -7.54 -43.17
CA GLU A 252 -28.64 -6.73 -44.20
C GLU A 252 -27.54 -5.86 -43.61
N ALA A 253 -27.72 -5.36 -42.39
CA ALA A 253 -26.68 -4.56 -41.75
C ALA A 253 -25.44 -5.40 -41.45
N ALA A 254 -25.64 -6.62 -40.93
CA ALA A 254 -24.51 -7.50 -40.66
C ALA A 254 -23.80 -7.89 -41.95
N ASN A 255 -24.56 -8.17 -43.01
CA ASN A 255 -23.95 -8.53 -44.29
C ASN A 255 -23.25 -7.34 -44.92
N GLU A 256 -23.72 -6.12 -44.68
CA GLU A 256 -23.05 -4.94 -45.19
C GLU A 256 -21.74 -4.71 -44.46
N CYS A 257 -21.73 -4.91 -43.14
CA CYS A 257 -20.48 -4.81 -42.39
C CYS A 257 -19.49 -5.88 -42.83
N ARG A 258 -19.97 -7.10 -43.07
CA ARG A 258 -19.08 -8.17 -43.49
C ARG A 258 -18.60 -7.97 -44.93
N ARG A 259 -19.38 -7.26 -45.75
CA ARG A 259 -18.98 -6.99 -47.12
C ARG A 259 -17.77 -6.06 -47.17
N LEU A 260 -17.68 -5.13 -46.21
CA LEU A 260 -16.57 -4.18 -46.15
C LEU A 260 -15.39 -4.71 -45.35
N GLY A 261 -15.34 -6.01 -45.10
CA GLY A 261 -14.28 -6.57 -44.29
C GLY A 261 -14.39 -6.22 -42.81
N ALA A 262 -15.60 -5.94 -42.34
CA ALA A 262 -15.81 -5.56 -40.95
C ALA A 262 -16.92 -6.39 -40.33
N ARG A 263 -17.41 -5.95 -39.17
CA ARG A 263 -18.55 -6.61 -38.53
C ARG A 263 -19.28 -5.59 -37.67
N LEU A 264 -20.54 -5.91 -37.35
CA LEU A 264 -21.36 -5.03 -36.53
C LEU A 264 -20.69 -4.74 -35.21
N ALA A 265 -20.58 -3.46 -34.87
CA ALA A 265 -19.91 -3.05 -33.64
C ALA A 265 -20.72 -3.47 -32.42
N THR A 266 -20.03 -3.90 -31.38
CA THR A 266 -20.68 -4.23 -30.12
C THR A 266 -21.04 -2.95 -29.37
N THR A 267 -21.76 -3.12 -28.25
CA THR A 267 -22.14 -1.98 -27.44
C THR A 267 -20.92 -1.30 -26.83
N GLY A 268 -19.96 -2.09 -26.35
CA GLY A 268 -18.75 -1.52 -25.78
C GLY A 268 -17.96 -0.72 -26.80
N GLN A 269 -17.83 -1.25 -28.02
CA GLN A 269 -17.14 -0.51 -29.09
C GLN A 269 -17.89 0.77 -29.42
N LEU A 270 -19.23 0.71 -29.45
CA LEU A 270 -20.02 1.91 -29.72
C LEU A 270 -19.77 2.98 -28.66
N TYR A 271 -19.82 2.60 -27.39
CA TYR A 271 -19.64 3.61 -26.33
C TYR A 271 -18.20 4.08 -26.25
N LEU A 272 -17.24 3.25 -26.64
CA LEU A 272 -15.85 3.71 -26.68
C LEU A 272 -15.64 4.72 -27.79
N ALA A 273 -16.23 4.47 -28.96
CA ALA A 273 -16.15 5.45 -30.04
C ALA A 273 -16.88 6.74 -29.67
N TRP A 274 -18.05 6.62 -29.03
CA TRP A 274 -18.79 7.80 -28.62
C TRP A 274 -18.03 8.58 -27.56
N GLN A 275 -17.28 7.89 -26.69
CA GLN A 275 -16.48 8.58 -25.69
C GLN A 275 -15.30 9.31 -26.32
N ALA A 276 -14.71 8.72 -27.36
CA ALA A 276 -13.56 9.32 -28.04
C ALA A 276 -13.91 10.57 -28.84
N GLY A 277 -15.18 10.97 -28.90
CA GLY A 277 -15.59 12.16 -29.59
C GLY A 277 -16.44 11.92 -30.82
N MET A 278 -16.53 10.67 -31.28
CA MET A 278 -17.33 10.36 -32.46
C MET A 278 -18.80 10.57 -32.18
N ASP A 279 -19.47 11.29 -33.07
CA ASP A 279 -20.89 11.58 -32.91
C ASP A 279 -21.69 10.35 -33.33
N MET A 280 -21.92 9.45 -32.37
CA MET A 280 -22.69 8.24 -32.58
C MET A 280 -24.13 8.38 -32.08
N CYS A 281 -24.64 9.61 -32.01
CA CYS A 281 -25.99 9.83 -31.48
C CYS A 281 -27.04 9.21 -32.39
N SER A 282 -26.77 9.15 -33.70
CA SER A 282 -27.73 8.60 -34.63
C SER A 282 -27.92 7.10 -34.40
N ALA A 283 -29.15 6.64 -34.60
CA ALA A 283 -29.46 5.24 -34.37
C ALA A 283 -28.86 4.36 -35.46
N GLY A 284 -28.49 3.14 -35.09
CA GLY A 284 -27.92 2.20 -36.02
C GLY A 284 -27.83 0.81 -35.44
N TRP A 285 -27.86 -0.19 -36.32
CA TRP A 285 -27.82 -1.57 -35.88
C TRP A 285 -26.49 -1.90 -35.22
N LEU A 286 -26.56 -2.45 -34.01
CA LEU A 286 -25.40 -2.95 -33.30
C LEU A 286 -25.33 -4.48 -33.43
N ALA A 287 -24.30 -5.06 -32.81
CA ALA A 287 -24.05 -6.49 -32.98
C ALA A 287 -25.14 -7.34 -32.33
N ASP A 288 -25.79 -6.83 -31.29
CA ASP A 288 -26.72 -7.62 -30.48
C ASP A 288 -28.19 -7.35 -30.84
N ARG A 289 -28.46 -7.02 -32.10
CA ARG A 289 -29.82 -6.72 -32.57
C ARG A 289 -30.48 -5.58 -31.81
N SER A 290 -29.69 -4.72 -31.19
CA SER A 290 -30.21 -3.58 -30.43
C SER A 290 -29.81 -2.28 -31.10
N VAL A 291 -30.40 -1.19 -30.63
CA VAL A 291 -30.16 0.15 -31.17
C VAL A 291 -30.15 1.12 -30.00
N ARG A 292 -29.01 1.75 -29.74
CA ARG A 292 -28.86 2.63 -28.60
C ARG A 292 -28.68 4.08 -29.05
N TYR A 293 -29.24 4.99 -28.25
CA TYR A 293 -29.14 6.42 -28.53
C TYR A 293 -28.30 7.07 -27.44
N PRO A 294 -26.98 7.06 -27.55
CA PRO A 294 -26.14 7.61 -26.49
C PRO A 294 -26.37 9.09 -26.31
N ILE A 295 -26.36 9.54 -25.05
CA ILE A 295 -26.69 10.92 -24.71
C ILE A 295 -25.93 11.31 -23.45
N SER A 296 -25.73 12.63 -23.29
CA SER A 296 -25.07 13.17 -22.11
C SER A 296 -25.45 14.64 -22.00
N LYS A 297 -25.06 15.25 -20.87
CA LYS A 297 -25.34 16.67 -20.68
C LYS A 297 -24.54 17.52 -21.66
N ALA A 298 -23.31 17.10 -21.97
CA ALA A 298 -22.48 17.83 -22.91
C ALA A 298 -22.93 17.63 -24.36
N ARG A 299 -23.41 16.43 -24.70
CA ARG A 299 -23.91 16.14 -26.04
C ARG A 299 -25.36 15.66 -25.94
N PRO A 300 -26.31 16.58 -25.76
CA PRO A 300 -27.73 16.18 -25.68
C PRO A 300 -28.46 16.16 -27.00
N ASN A 301 -27.90 16.77 -28.04
CA ASN A 301 -28.58 16.92 -29.32
C ASN A 301 -28.04 15.92 -30.35
N CYS A 302 -28.80 15.77 -31.43
CA CYS A 302 -28.44 14.84 -32.50
C CYS A 302 -28.86 15.44 -33.83
N GLY A 303 -27.99 15.29 -34.83
CA GLY A 303 -28.20 15.91 -36.12
C GLY A 303 -27.72 17.34 -36.22
N GLY A 304 -27.25 17.92 -35.12
CA GLY A 304 -26.76 19.28 -35.09
C GLY A 304 -26.38 19.66 -33.66
N ASN A 305 -26.43 20.96 -33.36
CA ASN A 305 -26.17 21.41 -31.99
C ASN A 305 -26.72 22.82 -31.82
N LEU A 306 -27.22 23.10 -30.62
CA LEU A 306 -27.83 24.38 -30.29
C LEU A 306 -26.85 25.13 -29.39
N LEU A 307 -26.08 26.05 -30.01
CA LEU A 307 -24.94 26.66 -29.34
C LEU A 307 -25.36 27.68 -28.30
N GLY A 308 -26.56 28.25 -28.39
CA GLY A 308 -26.99 29.25 -27.44
C GLY A 308 -27.79 28.68 -26.29
N VAL A 309 -27.62 27.39 -26.02
CA VAL A 309 -28.39 26.69 -24.98
C VAL A 309 -27.46 25.71 -24.27
N ARG A 310 -27.41 25.79 -22.94
CA ARG A 310 -26.67 24.85 -22.11
C ARG A 310 -27.63 23.86 -21.47
N THR A 311 -27.14 22.66 -21.21
CA THR A 311 -27.95 21.57 -20.68
C THR A 311 -27.51 21.23 -19.26
N VAL A 312 -28.48 21.12 -18.35
CA VAL A 312 -28.21 20.81 -16.95
C VAL A 312 -28.51 19.33 -16.71
N TYR A 313 -29.78 18.95 -16.80
CA TYR A 313 -30.20 17.57 -16.65
C TYR A 313 -30.49 16.96 -18.02
N VAL A 314 -30.24 15.66 -18.13
CA VAL A 314 -30.54 14.91 -19.34
C VAL A 314 -31.05 13.53 -18.92
N HIS A 315 -32.01 13.01 -19.68
CA HIS A 315 -32.62 11.73 -19.32
C HIS A 315 -31.62 10.59 -19.50
N ALA A 316 -31.97 9.44 -18.94
CA ALA A 316 -31.11 8.27 -19.03
C ALA A 316 -30.96 7.81 -20.48
N ASN A 317 -29.87 7.08 -20.73
CA ASN A 317 -29.62 6.54 -22.06
C ASN A 317 -30.78 5.67 -22.52
N GLN A 318 -31.18 5.86 -23.78
CA GLN A 318 -32.32 5.14 -24.34
C GLN A 318 -31.84 4.00 -25.23
N THR A 319 -32.54 2.87 -25.14
CA THR A 319 -32.19 1.67 -25.89
C THR A 319 -33.47 1.05 -26.42
N GLY A 320 -33.49 0.78 -27.72
CA GLY A 320 -34.59 0.08 -28.36
C GLY A 320 -34.12 -1.26 -28.87
N TYR A 321 -35.01 -2.25 -28.82
CA TYR A 321 -34.74 -3.60 -29.30
C TYR A 321 -35.70 -3.85 -30.46
N PRO A 322 -35.40 -3.30 -31.64
CA PRO A 322 -36.40 -3.27 -32.71
C PRO A 322 -36.63 -4.64 -33.33
N ASP A 323 -37.69 -4.71 -34.11
CA ASP A 323 -37.94 -5.90 -34.91
C ASP A 323 -36.78 -6.11 -35.86
N PRO A 324 -36.33 -7.36 -36.05
CA PRO A 324 -35.23 -7.60 -37.00
C PRO A 324 -35.50 -7.11 -38.40
N SER A 325 -36.76 -6.86 -38.76
CA SER A 325 -37.10 -6.31 -40.07
C SER A 325 -37.01 -4.80 -40.12
N SER A 326 -36.83 -4.13 -38.99
CA SER A 326 -36.72 -2.67 -38.98
C SER A 326 -35.48 -2.22 -39.75
N ARG A 327 -35.52 -0.98 -40.23
CA ARG A 327 -34.50 -0.45 -41.12
C ARG A 327 -33.73 0.67 -40.43
N TYR A 328 -32.44 0.44 -40.23
CA TYR A 328 -31.54 1.44 -39.65
C TYR A 328 -30.24 1.44 -40.44
N ASP A 329 -29.32 2.31 -40.06
CA ASP A 329 -27.96 2.22 -40.54
C ASP A 329 -27.25 1.02 -39.89
N ALA A 330 -26.13 0.66 -40.47
CA ALA A 330 -25.24 -0.34 -39.88
C ALA A 330 -24.11 0.38 -39.15
N ILE A 331 -23.82 -0.05 -37.93
CA ILE A 331 -22.72 0.50 -37.15
C ILE A 331 -21.62 -0.56 -37.17
N CYS A 332 -20.68 -0.42 -38.11
CA CYS A 332 -19.66 -1.43 -38.32
C CYS A 332 -18.38 -1.07 -37.56
N TYR A 333 -17.63 -2.11 -37.20
CA TYR A 333 -16.35 -1.98 -36.51
C TYR A 333 -15.26 -2.67 -37.32
N THR A 334 -14.12 -2.01 -37.46
CA THR A 334 -12.99 -2.58 -38.18
C THR A 334 -11.68 -2.30 -37.46
N ASN B 11 12.25 -8.80 -22.12
CA ASN B 11 13.20 -7.68 -22.11
C ASN B 11 12.64 -6.49 -21.35
N SER B 12 12.03 -6.76 -20.20
CA SER B 12 11.49 -5.72 -19.34
C SER B 12 12.42 -5.48 -18.15
N LEU B 13 12.19 -4.36 -17.48
CA LEU B 13 12.94 -4.04 -16.27
C LEU B 13 12.70 -5.14 -15.23
N SER B 14 13.79 -5.75 -14.76
CA SER B 14 13.72 -6.92 -13.87
C SER B 14 14.57 -6.66 -12.64
N VAL B 15 13.92 -6.50 -11.49
CA VAL B 15 14.60 -6.24 -10.23
C VAL B 15 14.76 -7.55 -9.48
N SER B 16 15.94 -7.76 -8.89
CA SER B 16 16.23 -8.99 -8.18
C SER B 16 17.02 -8.68 -6.91
N ILE B 17 16.73 -9.43 -5.85
CA ILE B 17 17.49 -9.39 -4.62
C ILE B 17 18.00 -10.79 -4.35
N PRO B 18 19.26 -11.09 -4.68
CA PRO B 18 19.77 -12.45 -4.54
C PRO B 18 20.04 -12.83 -3.10
N GLN B 19 18.98 -13.18 -2.35
CA GLN B 19 19.12 -13.57 -0.96
C GLN B 19 17.88 -14.33 -0.53
N PRO B 20 18.02 -15.42 0.23
CA PRO B 20 16.83 -16.16 0.69
C PRO B 20 15.90 -15.26 1.49
N SER B 21 14.60 -15.60 1.45
CA SER B 21 13.57 -14.72 1.99
C SER B 21 13.79 -14.34 3.44
N PRO B 22 14.03 -15.27 4.38
CA PRO B 22 14.31 -14.84 5.76
C PRO B 22 15.78 -14.46 5.92
N LEU B 23 16.03 -13.21 6.29
CA LEU B 23 17.38 -12.72 6.51
C LEU B 23 17.51 -12.30 7.96
N ARG B 24 18.40 -12.98 8.68
CA ARG B 24 18.63 -12.72 10.09
C ARG B 24 19.85 -11.81 10.26
N VAL B 25 19.65 -10.69 10.95
CA VAL B 25 20.73 -9.76 11.27
C VAL B 25 20.71 -9.51 12.77
N LEU B 26 21.83 -9.00 13.27
CA LEU B 26 21.97 -8.75 14.70
C LEU B 26 21.50 -7.35 15.06
N LEU B 27 21.19 -7.18 16.35
CA LEU B 27 20.92 -5.85 16.86
C LEU B 27 22.21 -5.03 16.91
N GLY B 28 22.12 -3.77 16.51
CA GLY B 28 23.25 -2.88 16.55
C GLY B 28 24.29 -3.11 15.48
N THR B 29 24.13 -4.09 14.60
CA THR B 29 25.04 -4.29 13.49
C THR B 29 24.50 -3.56 12.27
N SER B 30 25.13 -3.75 11.11
CA SER B 30 24.73 -3.09 9.88
C SER B 30 24.19 -4.10 8.88
N LEU B 31 23.13 -3.71 8.18
CA LEU B 31 22.47 -4.56 7.21
C LEU B 31 22.82 -4.12 5.79
N THR B 32 23.03 -5.09 4.91
CA THR B 32 23.29 -4.82 3.50
C THR B 32 22.43 -5.75 2.66
N ILE B 33 21.51 -5.17 1.89
CA ILE B 33 20.61 -5.92 1.02
C ILE B 33 21.06 -5.69 -0.42
N PRO B 34 21.54 -6.72 -1.12
CA PRO B 34 21.93 -6.53 -2.52
C PRO B 34 20.70 -6.42 -3.42
N CYS B 35 20.78 -5.55 -4.42
CA CYS B 35 19.71 -5.38 -5.38
C CYS B 35 20.28 -4.86 -6.68
N TYR B 36 19.95 -5.54 -7.79
CA TYR B 36 20.39 -5.14 -9.11
C TYR B 36 19.23 -5.25 -10.07
N PHE B 37 19.18 -4.33 -11.04
CA PHE B 37 18.13 -4.32 -12.05
C PHE B 37 18.74 -4.51 -13.43
N ILE B 38 17.89 -4.87 -14.38
CA ILE B 38 18.29 -5.12 -15.77
C ILE B 38 17.43 -4.20 -16.64
N ASP B 39 18.03 -3.13 -17.15
CA ASP B 39 17.31 -2.13 -17.93
C ASP B 39 17.88 -2.01 -19.33
N PRO B 40 17.28 -2.66 -20.32
CA PRO B 40 17.67 -2.38 -21.72
C PRO B 40 17.36 -0.94 -22.08
N MET B 41 18.37 -0.23 -22.56
CA MET B 41 18.25 1.20 -22.79
C MET B 41 17.33 1.49 -23.96
N HIS B 42 16.70 2.67 -23.92
CA HIS B 42 15.78 3.10 -24.97
C HIS B 42 15.91 4.60 -25.20
N ALA B 51 15.85 15.31 -23.24
CA ALA B 51 16.78 14.57 -22.38
C ALA B 51 16.21 13.20 -22.02
N PRO B 52 17.04 12.16 -22.12
CA PRO B 52 16.57 10.80 -21.84
C PRO B 52 16.30 10.61 -20.36
N LEU B 53 15.18 9.95 -20.05
CA LEU B 53 14.82 9.69 -18.67
C LEU B 53 15.69 8.57 -18.09
N ALA B 54 16.29 8.83 -16.94
CA ALA B 54 17.14 7.87 -16.25
C ALA B 54 16.33 7.09 -15.23
N PRO B 55 16.77 5.88 -14.87
CA PRO B 55 16.02 5.08 -13.91
C PRO B 55 15.93 5.74 -12.54
N ARG B 56 15.03 5.20 -11.72
CA ARG B 56 14.79 5.67 -10.37
C ARG B 56 14.71 4.47 -9.44
N ILE B 57 15.36 4.58 -8.29
CA ILE B 57 15.39 3.53 -7.27
C ILE B 57 14.59 4.01 -6.07
N LYS B 58 13.72 3.15 -5.55
CA LYS B 58 13.00 3.43 -4.32
C LYS B 58 13.16 2.25 -3.38
N TRP B 59 13.74 2.52 -2.21
CA TRP B 59 13.81 1.55 -1.13
C TRP B 59 12.74 1.91 -0.10
N SER B 60 11.85 0.96 0.17
CA SER B 60 10.75 1.12 1.12
C SER B 60 10.82 -0.01 2.14
N ARG B 61 10.09 0.17 3.25
CA ARG B 61 10.05 -0.85 4.30
C ARG B 61 8.64 -0.94 4.86
N VAL B 62 8.07 -2.15 4.82
CA VAL B 62 6.75 -2.43 5.37
C VAL B 62 6.95 -3.11 6.72
N SER B 63 6.47 -2.45 7.78
CA SER B 63 6.43 -3.01 9.12
C SER B 63 5.02 -2.82 9.66
N LYS B 64 4.47 -3.87 10.25
CA LYS B 64 3.05 -3.94 10.63
C LYS B 64 2.27 -3.72 9.34
N GLU B 65 1.32 -2.79 9.28
CA GLU B 65 0.63 -2.43 8.05
C GLU B 65 1.00 -1.01 7.60
N LYS B 66 2.20 -0.56 7.97
CA LYS B 66 2.67 0.79 7.69
C LYS B 66 3.93 0.71 6.86
N GLU B 67 3.93 1.37 5.71
CA GLU B 67 5.08 1.38 4.82
C GLU B 67 5.86 2.69 5.00
N VAL B 68 7.18 2.57 5.08
CA VAL B 68 8.07 3.72 5.27
C VAL B 68 8.98 3.83 4.05
N VAL B 69 8.97 4.99 3.42
CA VAL B 69 9.85 5.24 2.28
C VAL B 69 11.25 5.54 2.81
N LEU B 70 12.20 4.66 2.50
CA LEU B 70 13.57 4.87 2.95
C LEU B 70 14.31 5.85 2.04
N LEU B 71 14.38 5.54 0.75
CA LEU B 71 15.12 6.45 -0.12
C LEU B 71 14.63 6.38 -1.56
N VAL B 72 14.88 7.47 -2.29
CA VAL B 72 14.63 7.56 -3.73
C VAL B 72 15.86 8.16 -4.38
N ALA B 73 16.46 7.42 -5.30
CA ALA B 73 17.68 7.82 -5.99
C ALA B 73 17.39 7.98 -7.48
N THR B 74 17.85 9.09 -8.05
CA THR B 74 17.68 9.37 -9.47
C THR B 74 18.63 10.48 -9.88
N GLU B 75 19.13 10.39 -11.11
CA GLU B 75 20.01 11.42 -11.70
C GLU B 75 21.24 11.66 -10.83
N GLY B 76 21.83 10.59 -10.33
CA GLY B 76 23.00 10.71 -9.48
C GLY B 76 22.75 11.43 -8.17
N ARG B 77 21.49 11.54 -7.76
CA ARG B 77 21.10 12.24 -6.54
C ARG B 77 20.23 11.32 -5.71
N VAL B 78 20.63 11.07 -4.47
CA VAL B 78 19.90 10.21 -3.55
C VAL B 78 19.21 11.08 -2.51
N ARG B 79 17.90 10.94 -2.40
CA ARG B 79 17.09 11.64 -1.40
C ARG B 79 16.64 10.60 -0.38
N VAL B 80 17.15 10.71 0.84
CA VAL B 80 16.82 9.78 1.90
C VAL B 80 15.76 10.40 2.80
N ASN B 81 15.09 9.54 3.56
CA ASN B 81 14.11 10.02 4.53
C ASN B 81 14.80 10.88 5.58
N SER B 82 14.10 11.91 6.06
CA SER B 82 14.67 12.80 7.05
C SER B 82 15.00 12.06 8.34
N ALA B 83 14.15 11.12 8.73
CA ALA B 83 14.41 10.35 9.95
C ALA B 83 15.57 9.39 9.78
N TYR B 84 15.78 8.86 8.57
CA TYR B 84 16.83 7.90 8.30
C TYR B 84 18.09 8.57 7.74
N GLN B 85 18.31 9.83 8.08
CA GLN B 85 19.50 10.53 7.64
C GLN B 85 20.74 9.86 8.22
N ASP B 86 21.74 9.64 7.37
CA ASP B 86 23.00 8.98 7.72
C ASP B 86 22.80 7.53 8.16
N LYS B 87 21.59 6.99 8.04
CA LYS B 87 21.30 5.62 8.40
C LYS B 87 21.15 4.71 7.20
N VAL B 88 20.48 5.18 6.14
CA VAL B 88 20.31 4.42 4.91
C VAL B 88 21.15 5.07 3.82
N SER B 89 21.56 4.27 2.83
CA SER B 89 22.37 4.75 1.74
C SER B 89 22.45 3.69 0.66
N LEU B 90 22.79 4.13 -0.55
CA LEU B 90 23.13 3.22 -1.65
C LEU B 90 24.63 3.32 -1.87
N PRO B 91 25.43 2.41 -1.29
CA PRO B 91 26.89 2.57 -1.37
C PRO B 91 27.47 2.45 -2.77
N ASN B 92 26.78 1.79 -3.69
CA ASN B 92 27.30 1.57 -5.04
C ASN B 92 26.69 2.51 -6.08
N TYR B 93 25.76 3.38 -5.67
CA TYR B 93 25.15 4.32 -6.60
C TYR B 93 25.87 5.66 -6.53
N PRO B 94 26.21 6.27 -7.67
CA PRO B 94 26.04 5.78 -9.04
C PRO B 94 27.34 5.20 -9.60
N ALA B 95 28.27 4.79 -8.74
CA ALA B 95 29.56 4.29 -9.22
C ALA B 95 29.39 3.03 -10.05
N ILE B 96 28.50 2.14 -9.63
CA ILE B 96 28.16 0.93 -10.39
C ILE B 96 26.81 1.18 -11.05
N PRO B 97 26.72 1.15 -12.39
CA PRO B 97 25.51 1.65 -13.07
C PRO B 97 24.23 0.95 -12.65
N SER B 98 24.20 -0.39 -12.64
CA SER B 98 22.97 -1.13 -12.42
C SER B 98 22.88 -1.72 -11.01
N ASP B 99 23.60 -1.15 -10.05
CA ASP B 99 23.61 -1.65 -8.69
C ASP B 99 22.73 -0.77 -7.81
N ALA B 100 21.83 -1.39 -7.05
CA ALA B 100 20.91 -0.70 -6.15
C ALA B 100 20.98 -1.29 -4.75
N THR B 101 22.18 -1.60 -4.29
CA THR B 101 22.35 -2.21 -2.98
C THR B 101 22.04 -1.21 -1.87
N LEU B 102 21.29 -1.66 -0.87
CA LEU B 102 20.91 -0.84 0.27
C LEU B 102 21.78 -1.18 1.47
N GLU B 103 22.14 -0.16 2.24
CA GLU B 103 22.84 -0.33 3.51
C GLU B 103 22.10 0.43 4.60
N VAL B 104 21.82 -0.24 5.71
CA VAL B 104 21.14 0.35 6.86
C VAL B 104 22.03 0.15 8.08
N GLN B 105 22.53 1.25 8.62
CA GLN B 105 23.43 1.20 9.77
C GLN B 105 22.65 1.27 11.08
N SER B 106 23.27 0.73 12.13
CA SER B 106 22.72 0.75 13.49
C SER B 106 21.32 0.14 13.52
N LEU B 107 21.28 -1.17 13.22
CA LEU B 107 20.01 -1.89 13.20
C LEU B 107 19.39 -1.92 14.59
N ARG B 108 18.12 -1.54 14.67
CA ARG B 108 17.35 -1.59 15.91
C ARG B 108 16.48 -2.84 15.89
N SER B 109 15.74 -3.06 16.99
CA SER B 109 14.75 -4.13 16.98
C SER B 109 13.71 -3.87 15.91
N ASN B 110 13.46 -2.60 15.63
CA ASN B 110 12.61 -2.17 14.53
C ASN B 110 13.42 -2.11 13.26
N ASP B 111 12.97 -1.33 12.28
CA ASP B 111 13.50 -1.36 10.92
C ASP B 111 13.56 -2.79 10.39
N SER B 112 13.00 -3.75 11.12
CA SER B 112 12.83 -5.11 10.64
C SER B 112 11.46 -5.24 10.00
N GLY B 113 11.38 -6.08 8.98
CA GLY B 113 10.17 -6.21 8.21
C GLY B 113 10.49 -6.48 6.76
N VAL B 114 9.56 -6.13 5.88
CA VAL B 114 9.68 -6.47 4.47
C VAL B 114 10.25 -5.26 3.73
N TYR B 115 11.47 -5.38 3.24
CA TYR B 115 12.10 -4.34 2.45
C TYR B 115 11.77 -4.53 0.97
N ARG B 116 11.48 -3.41 0.30
CA ARG B 116 11.14 -3.37 -1.11
C ARG B 116 12.20 -2.57 -1.86
N CYS B 117 12.83 -3.21 -2.84
CA CYS B 117 13.70 -2.55 -3.81
C CYS B 117 12.92 -2.43 -5.11
N GLU B 118 12.56 -1.20 -5.48
CA GLU B 118 11.72 -0.96 -6.65
C GLU B 118 12.45 -0.05 -7.62
N VAL B 119 12.66 -0.52 -8.84
CA VAL B 119 13.29 0.27 -9.89
C VAL B 119 12.24 0.62 -10.93
N MET B 120 12.13 1.91 -11.25
CA MET B 120 11.17 2.43 -12.21
C MET B 120 11.89 3.21 -13.29
N HIS B 121 11.61 2.88 -14.54
CA HIS B 121 12.21 3.58 -15.68
C HIS B 121 11.12 3.83 -16.71
N GLY B 122 10.87 5.09 -17.02
CA GLY B 122 9.86 5.43 -18.00
C GLY B 122 8.48 4.99 -17.55
N ILE B 123 7.81 4.23 -18.41
CA ILE B 123 6.50 3.67 -18.10
C ILE B 123 6.61 2.28 -17.48
N GLU B 124 7.81 1.80 -17.21
CA GLU B 124 8.01 0.47 -16.62
C GLU B 124 8.49 0.60 -15.18
N ASP B 125 8.25 -0.46 -14.41
CA ASP B 125 8.82 -0.58 -13.08
C ASP B 125 8.68 -2.02 -12.61
N SER B 126 9.64 -2.45 -11.80
CA SER B 126 9.61 -3.77 -11.19
C SER B 126 10.21 -3.67 -9.79
N GLU B 127 10.14 -4.78 -9.06
CA GLU B 127 10.51 -4.74 -7.66
C GLU B 127 10.92 -6.13 -7.19
N ALA B 128 11.59 -6.14 -6.04
CA ALA B 128 11.90 -7.35 -5.30
C ALA B 128 11.75 -7.04 -3.81
N THR B 129 11.55 -8.08 -3.02
CA THR B 129 11.30 -7.93 -1.60
C THR B 129 12.19 -8.88 -0.79
N LEU B 130 12.36 -8.55 0.48
CA LEU B 130 13.18 -9.36 1.37
C LEU B 130 12.77 -9.11 2.81
N GLU B 131 12.51 -10.17 3.57
CA GLU B 131 12.16 -10.03 4.97
C GLU B 131 13.45 -10.03 5.81
N VAL B 132 13.61 -8.98 6.62
CA VAL B 132 14.75 -8.81 7.50
C VAL B 132 14.27 -8.94 8.94
N VAL B 133 14.90 -9.83 9.69
CA VAL B 133 14.58 -10.07 11.09
C VAL B 133 15.82 -9.77 11.91
N VAL B 134 15.71 -8.81 12.82
CA VAL B 134 16.83 -8.39 13.65
C VAL B 134 16.87 -9.28 14.89
N LYS B 135 18.01 -9.93 15.11
CA LYS B 135 18.16 -10.90 16.19
C LYS B 135 18.68 -10.23 17.46
N GLY B 136 18.26 -10.78 18.60
CA GLY B 136 18.85 -10.45 19.89
C GLY B 136 17.97 -9.54 20.72
N ILE B 137 18.38 -9.42 21.98
CA ILE B 137 17.75 -8.48 22.92
C ILE B 137 18.77 -8.14 23.99
N VAL B 138 18.80 -6.86 24.37
CA VAL B 138 19.70 -6.38 25.41
C VAL B 138 18.93 -6.29 26.72
N PHE B 139 19.55 -6.75 27.80
CA PHE B 139 18.93 -6.69 29.11
C PHE B 139 19.95 -6.29 30.16
N HIS B 140 19.49 -5.52 31.15
CA HIS B 140 20.31 -5.13 32.28
C HIS B 140 20.30 -6.21 33.33
N TYR B 141 21.47 -6.48 33.92
CA TYR B 141 21.66 -7.61 34.80
C TYR B 141 22.50 -7.19 36.00
N ARG B 142 21.98 -7.50 37.18
CA ARG B 142 22.70 -7.37 38.45
C ARG B 142 22.92 -8.77 38.99
N ALA B 143 24.17 -9.11 39.26
CA ALA B 143 24.54 -10.47 39.65
C ALA B 143 23.99 -10.78 41.05
N ILE B 144 24.34 -11.97 41.55
CA ILE B 144 23.95 -12.35 42.90
C ILE B 144 24.48 -11.33 43.91
N SER B 145 25.69 -10.84 43.70
CA SER B 145 26.29 -9.81 44.53
C SER B 145 26.88 -8.73 43.64
N THR B 146 27.15 -7.56 44.24
CA THR B 146 27.80 -6.46 43.53
C THR B 146 29.30 -6.71 43.44
N ARG B 147 29.67 -7.99 43.31
CA ARG B 147 31.05 -8.43 43.24
C ARG B 147 31.39 -9.11 41.93
N TYR B 148 30.40 -9.58 41.18
CA TYR B 148 30.60 -10.26 39.91
C TYR B 148 30.32 -9.36 38.72
N THR B 149 30.18 -8.06 38.94
CA THR B 149 30.06 -7.09 37.85
C THR B 149 30.94 -5.86 38.05
N LEU B 150 31.70 -5.77 39.14
CA LEU B 150 32.63 -4.66 39.31
C LEU B 150 33.82 -4.79 38.38
N ASP B 151 34.22 -6.01 38.07
CA ASP B 151 35.33 -6.28 37.15
C ASP B 151 34.80 -6.57 35.76
N PHE B 152 35.55 -6.13 34.75
CA PHE B 152 35.14 -6.35 33.36
C PHE B 152 35.12 -7.84 33.03
N ASP B 153 36.13 -8.57 33.49
CA ASP B 153 36.16 -10.02 33.32
C ASP B 153 34.90 -10.66 33.89
N ARG B 154 34.50 -10.24 35.09
CA ARG B 154 33.34 -10.82 35.73
C ARG B 154 32.04 -10.43 35.02
N ALA B 155 32.00 -9.23 34.44
CA ALA B 155 30.83 -8.85 33.64
C ALA B 155 30.71 -9.75 32.41
N GLN B 156 31.83 -9.97 31.71
CA GLN B 156 31.83 -10.89 30.59
C GLN B 156 31.37 -12.29 31.03
N ARG B 157 31.88 -12.76 32.17
CA ARG B 157 31.52 -14.10 32.62
C ARG B 157 30.05 -14.19 33.00
N ALA B 158 29.49 -13.13 33.60
CA ALA B 158 28.08 -13.15 33.96
C ALA B 158 27.20 -13.18 32.71
N CYS B 159 27.54 -12.33 31.71
CA CYS B 159 26.78 -12.37 30.47
C CYS B 159 26.90 -13.73 29.78
N LEU B 160 28.07 -14.36 29.88
CA LEU B 160 28.23 -15.72 29.35
C LEU B 160 27.33 -16.71 30.08
N GLN B 161 27.30 -16.62 31.41
CA GLN B 161 26.50 -17.55 32.20
C GLN B 161 25.01 -17.37 31.94
N ASN B 162 24.59 -16.17 31.57
CA ASN B 162 23.18 -15.91 31.26
C ASN B 162 22.83 -16.21 29.81
N SER B 163 23.55 -17.13 29.17
CA SER B 163 23.30 -17.53 27.78
C SER B 163 23.32 -16.32 26.85
N ALA B 164 24.35 -15.49 27.00
CA ALA B 164 24.43 -14.25 26.24
C ALA B 164 25.90 -13.83 26.18
N ILE B 165 26.13 -12.61 25.69
CA ILE B 165 27.45 -11.99 25.66
C ILE B 165 27.27 -10.54 26.05
N ILE B 166 28.34 -9.94 26.58
CA ILE B 166 28.27 -8.56 27.02
C ILE B 166 27.93 -7.67 25.84
N ALA B 167 26.94 -6.80 26.02
CA ALA B 167 26.40 -6.01 24.92
C ALA B 167 27.34 -4.89 24.53
N THR B 168 27.22 -4.47 23.26
CA THR B 168 28.00 -3.37 22.71
C THR B 168 27.26 -2.06 22.87
N PRO B 169 27.99 -0.93 22.85
CA PRO B 169 27.31 0.38 22.98
C PRO B 169 26.27 0.63 21.90
N GLU B 170 26.52 0.17 20.66
CA GLU B 170 25.53 0.34 19.61
C GLU B 170 24.27 -0.47 19.91
N GLN B 171 24.42 -1.66 20.48
CA GLN B 171 23.25 -2.45 20.88
C GLN B 171 22.47 -1.75 21.98
N LEU B 172 23.18 -1.12 22.92
CA LEU B 172 22.49 -0.37 23.98
C LEU B 172 21.73 0.81 23.39
N GLN B 173 22.36 1.54 22.46
CA GLN B 173 21.68 2.66 21.82
C GLN B 173 20.46 2.20 21.04
N ALA B 174 20.56 1.05 20.36
CA ALA B 174 19.42 0.52 19.61
C ALA B 174 18.30 0.13 20.56
N ALA B 175 18.62 -0.57 21.64
CA ALA B 175 17.60 -0.94 22.62
C ALA B 175 16.96 0.29 23.25
N TYR B 176 17.72 1.38 23.41
CA TYR B 176 17.14 2.62 23.89
C TYR B 176 16.17 3.19 22.87
N GLU B 177 16.57 3.24 21.60
CA GLU B 177 15.71 3.72 20.54
C GLU B 177 14.50 2.84 20.30
N ASP B 178 14.47 1.64 20.89
CA ASP B 178 13.36 0.70 20.73
C ASP B 178 12.41 0.70 21.93
N GLY B 179 12.67 1.52 22.95
CA GLY B 179 11.79 1.68 24.08
C GLY B 179 12.30 1.08 25.37
N PHE B 180 13.21 0.11 25.30
CA PHE B 180 13.75 -0.52 26.50
C PHE B 180 14.48 0.52 27.35
N HIS B 181 13.98 0.74 28.56
CA HIS B 181 14.43 1.83 29.42
C HIS B 181 15.01 1.28 30.71
N GLN B 182 16.17 1.79 31.09
CA GLN B 182 16.81 1.46 32.36
C GLN B 182 17.48 2.71 32.91
N CYS B 183 17.72 2.71 34.22
CA CYS B 183 18.38 3.83 34.89
C CYS B 183 19.59 3.35 35.70
N ASP B 184 20.21 2.26 35.29
CA ASP B 184 21.37 1.71 35.95
C ASP B 184 22.55 1.68 34.99
N ALA B 185 23.73 2.08 35.49
CA ALA B 185 24.94 2.03 34.69
C ALA B 185 25.51 0.62 34.69
N GLY B 186 25.99 0.19 33.52
CA GLY B 186 26.52 -1.16 33.38
C GLY B 186 27.67 -1.21 32.42
N TRP B 187 28.43 -2.30 32.50
CA TRP B 187 29.54 -2.53 31.60
C TRP B 187 29.03 -2.81 30.19
N LEU B 188 29.85 -2.43 29.21
CA LEU B 188 29.60 -2.72 27.81
C LEU B 188 30.82 -3.40 27.22
N ALA B 189 30.64 -4.00 26.03
CA ALA B 189 31.67 -4.86 25.46
C ALA B 189 32.96 -4.13 25.14
N ASP B 190 32.93 -2.79 25.05
CA ASP B 190 34.12 -2.00 24.76
C ASP B 190 34.87 -1.57 26.01
N GLN B 191 34.64 -2.25 27.14
CA GLN B 191 35.26 -1.92 28.42
C GLN B 191 34.98 -0.46 28.81
N THR B 192 33.71 -0.09 28.74
CA THR B 192 33.23 1.17 29.27
C THR B 192 32.01 0.90 30.14
N VAL B 193 31.60 1.91 30.92
CA VAL B 193 30.42 1.82 31.77
C VAL B 193 29.46 2.91 31.34
N ARG B 194 28.30 2.51 30.85
CA ARG B 194 27.34 3.44 30.26
C ARG B 194 25.94 3.12 30.76
N TYR B 195 25.02 4.06 30.51
CA TYR B 195 23.62 3.90 30.90
C TYR B 195 22.74 4.68 29.92
N PRO B 196 21.55 4.17 29.60
CA PRO B 196 20.64 4.91 28.73
C PRO B 196 20.03 6.11 29.43
N ILE B 197 19.61 7.09 28.64
CA ILE B 197 18.96 8.28 29.18
C ILE B 197 17.58 7.91 29.70
N HIS B 198 17.21 8.47 30.84
CA HIS B 198 15.94 8.20 31.48
C HIS B 198 15.28 9.52 31.87
N THR B 199 14.12 9.42 32.52
CA THR B 199 13.37 10.61 32.92
C THR B 199 13.30 10.73 34.44
N THR B 225 29.01 1.25 42.44
CA THR B 225 29.28 0.01 41.74
C THR B 225 28.52 -0.04 40.43
N TYR B 226 28.78 -1.07 39.62
CA TYR B 226 28.24 -1.17 38.27
C TYR B 226 27.61 -2.53 38.06
N ASP B 227 26.54 -2.55 37.27
CA ASP B 227 25.93 -3.80 36.81
C ASP B 227 26.46 -4.13 35.42
N VAL B 228 25.69 -4.86 34.62
CA VAL B 228 26.17 -5.19 33.27
C VAL B 228 25.00 -5.32 32.31
N TYR B 229 25.20 -4.85 31.08
CA TYR B 229 24.22 -5.01 30.01
C TYR B 229 24.64 -6.17 29.11
N CYS B 230 23.82 -7.22 29.07
CA CYS B 230 24.10 -8.38 28.27
C CYS B 230 23.21 -8.42 27.04
N PHE B 231 23.63 -9.18 26.04
CA PHE B 231 22.93 -9.29 24.76
C PHE B 231 22.68 -10.75 24.46
N ALA B 232 21.43 -11.19 24.57
CA ALA B 232 21.04 -12.55 24.24
C ALA B 232 20.64 -12.58 22.76
N GLU B 233 21.44 -13.26 21.94
CA GLU B 233 21.23 -13.27 20.50
C GLU B 233 20.02 -14.11 20.11
N GLU B 234 20.15 -15.43 20.21
CA GLU B 234 19.09 -16.34 19.79
C GLU B 234 19.02 -17.51 20.77
N MET B 235 18.01 -18.36 20.57
CA MET B 235 17.78 -19.50 21.44
C MET B 235 17.23 -20.65 20.61
N GLU B 236 17.74 -21.85 20.84
CA GLU B 236 17.32 -23.01 20.08
C GLU B 236 16.12 -23.71 20.72
N GLY B 237 16.10 -23.83 22.04
CA GLY B 237 15.01 -24.47 22.75
C GLY B 237 13.88 -23.51 23.05
N GLU B 238 13.05 -23.90 24.03
CA GLU B 238 11.95 -23.07 24.49
C GLU B 238 11.85 -23.16 26.00
N VAL B 239 11.04 -22.27 26.57
CA VAL B 239 10.95 -22.07 28.01
C VAL B 239 9.53 -22.34 28.48
N PHE B 240 9.42 -23.04 29.61
CA PHE B 240 8.13 -23.28 30.23
C PHE B 240 8.27 -23.38 31.76
N PRO B 245 0.46 -25.04 43.41
CA PRO B 245 -0.24 -25.13 44.71
C PRO B 245 0.73 -25.38 45.86
N GLU B 246 1.85 -26.06 45.58
CA GLU B 246 2.89 -26.28 46.55
C GLU B 246 4.18 -25.50 46.25
N LYS B 247 4.37 -25.09 45.00
CA LYS B 247 5.57 -24.37 44.56
C LYS B 247 6.84 -25.16 44.83
N PHE B 248 8.01 -24.55 44.60
CA PHE B 248 9.28 -25.25 44.75
C PHE B 248 10.34 -24.28 45.25
N THR B 249 11.21 -24.76 46.13
CA THR B 249 12.42 -24.03 46.45
C THR B 249 13.35 -24.04 45.23
N PHE B 250 14.46 -23.30 45.34
CA PHE B 250 15.39 -23.23 44.21
C PHE B 250 15.95 -24.60 43.89
N GLN B 251 16.41 -25.33 44.91
CA GLN B 251 16.90 -26.69 44.69
C GLN B 251 15.79 -27.61 44.20
N GLU B 252 14.60 -27.49 44.80
CA GLU B 252 13.46 -28.29 44.36
C GLU B 252 13.03 -27.91 42.94
N ALA B 253 13.11 -26.63 42.59
CA ALA B 253 12.79 -26.21 41.23
C ALA B 253 13.78 -26.79 40.23
N ALA B 254 15.08 -26.76 40.57
CA ALA B 254 16.09 -27.34 39.69
C ALA B 254 15.88 -28.84 39.52
N ASN B 255 15.60 -29.54 40.61
CA ASN B 255 15.37 -30.98 40.54
C ASN B 255 14.10 -31.31 39.76
N GLU B 256 13.06 -30.48 39.90
CA GLU B 256 11.82 -30.69 39.16
C GLU B 256 12.04 -30.50 37.66
N CYS B 257 12.74 -29.44 37.28
CA CYS B 257 13.00 -29.19 35.87
C CYS B 257 14.00 -30.20 35.30
N ARG B 258 14.85 -30.80 36.14
CA ARG B 258 15.70 -31.89 35.67
C ARG B 258 14.90 -33.17 35.47
N ARG B 259 13.92 -33.43 36.34
CA ARG B 259 13.09 -34.61 36.20
C ARG B 259 12.32 -34.59 34.88
N LEU B 260 11.90 -33.40 34.45
CA LEU B 260 11.19 -33.26 33.18
C LEU B 260 12.12 -33.36 31.98
N GLY B 261 13.43 -33.49 32.19
CA GLY B 261 14.38 -33.57 31.10
C GLY B 261 14.71 -32.22 30.52
N ALA B 262 15.15 -31.30 31.37
CA ALA B 262 15.45 -29.92 30.96
C ALA B 262 16.26 -29.27 32.08
N ARG B 263 16.51 -27.97 31.94
CA ARG B 263 17.29 -27.21 32.93
C ARG B 263 16.62 -25.87 33.18
N LEU B 264 16.89 -25.31 34.36
CA LEU B 264 16.33 -24.01 34.71
C LEU B 264 16.75 -22.96 33.70
N ALA B 265 15.78 -22.19 33.22
CA ALA B 265 16.04 -21.20 32.19
C ALA B 265 16.96 -20.10 32.71
N THR B 266 17.86 -19.65 31.85
CA THR B 266 18.75 -18.54 32.20
C THR B 266 18.01 -17.22 32.05
N THR B 267 18.66 -16.15 32.50
CA THR B 267 18.06 -14.82 32.38
C THR B 267 17.90 -14.42 30.93
N GLY B 268 18.92 -14.67 30.11
CA GLY B 268 18.82 -14.35 28.69
C GLY B 268 17.75 -15.17 28.00
N GLN B 269 17.60 -16.44 28.40
CA GLN B 269 16.54 -17.26 27.84
C GLN B 269 15.16 -16.73 28.20
N LEU B 270 15.00 -16.28 29.45
CA LEU B 270 13.73 -15.69 29.86
C LEU B 270 13.44 -14.40 29.09
N TYR B 271 14.48 -13.58 28.87
CA TYR B 271 14.27 -12.34 28.12
C TYR B 271 13.93 -12.62 26.66
N LEU B 272 14.59 -13.60 26.04
CA LEU B 272 14.26 -13.95 24.66
C LEU B 272 12.85 -14.53 24.56
N ALA B 273 12.45 -15.33 25.55
CA ALA B 273 11.09 -15.87 25.54
C ALA B 273 10.05 -14.77 25.71
N TRP B 274 10.34 -13.79 26.58
CA TRP B 274 9.44 -12.64 26.73
C TRP B 274 9.37 -11.83 25.44
N GLN B 275 10.51 -11.68 24.76
CA GLN B 275 10.51 -11.01 23.46
C GLN B 275 9.68 -11.78 22.45
N ALA B 276 9.66 -13.11 22.56
CA ALA B 276 8.79 -13.92 21.71
C ALA B 276 7.33 -13.83 22.11
N GLY B 277 7.02 -13.25 23.25
CA GLY B 277 5.65 -13.08 23.70
C GLY B 277 5.24 -13.86 24.94
N MET B 278 6.20 -14.30 25.76
CA MET B 278 5.87 -15.08 26.95
C MET B 278 5.28 -14.19 28.04
N ASP B 279 4.25 -14.70 28.70
CA ASP B 279 3.60 -13.99 29.79
C ASP B 279 3.32 -14.98 30.92
N MET B 280 3.72 -14.62 32.13
CA MET B 280 3.53 -15.51 33.29
C MET B 280 3.52 -14.65 34.54
N CYS B 281 2.37 -14.55 35.20
CA CYS B 281 2.24 -13.74 36.42
C CYS B 281 2.50 -14.60 37.66
N SER B 282 3.66 -15.24 37.68
CA SER B 282 4.10 -16.03 38.83
C SER B 282 5.61 -16.07 38.84
N ALA B 283 6.21 -15.65 39.95
CA ALA B 283 7.65 -15.60 40.06
C ALA B 283 8.24 -17.00 40.02
N GLY B 284 9.36 -17.15 39.33
CA GLY B 284 9.98 -18.45 39.15
C GLY B 284 11.49 -18.37 39.27
N TRP B 285 12.07 -19.48 39.73
CA TRP B 285 13.51 -19.56 39.88
C TRP B 285 14.20 -19.73 38.53
N LEU B 286 15.39 -19.17 38.42
CA LEU B 286 16.23 -19.30 37.24
C LEU B 286 17.57 -19.91 37.64
N ALA B 287 18.33 -20.34 36.61
CA ALA B 287 19.62 -20.98 36.84
C ALA B 287 20.64 -20.06 37.50
N ASP B 288 20.46 -18.74 37.39
CA ASP B 288 21.35 -17.77 38.02
C ASP B 288 20.91 -17.39 39.42
N ARG B 289 20.24 -18.30 40.13
CA ARG B 289 19.79 -18.10 41.51
C ARG B 289 18.80 -16.94 41.65
N SER B 290 18.18 -16.52 40.55
CA SER B 290 17.29 -15.38 40.55
C SER B 290 15.82 -15.81 40.54
N VAL B 291 14.94 -14.85 40.81
CA VAL B 291 13.50 -15.07 40.85
C VAL B 291 12.86 -13.99 39.98
N ARG B 292 12.51 -14.36 38.74
CA ARG B 292 11.94 -13.41 37.78
C ARG B 292 10.68 -13.99 37.18
N TYR B 293 9.98 -13.13 36.42
CA TYR B 293 8.78 -13.55 35.69
C TYR B 293 8.52 -12.54 34.58
N PRO B 294 8.05 -12.99 33.42
CA PRO B 294 7.77 -12.06 32.31
C PRO B 294 6.34 -11.55 32.33
N ILE B 295 6.20 -10.31 31.87
CA ILE B 295 4.90 -9.64 31.75
C ILE B 295 4.80 -9.08 30.34
N SER B 296 3.99 -9.72 29.50
CA SER B 296 3.72 -9.25 28.15
C SER B 296 2.43 -8.45 28.05
N LYS B 297 1.47 -8.70 28.94
CA LYS B 297 0.21 -7.96 28.99
C LYS B 297 0.16 -7.21 30.32
N ALA B 298 0.00 -5.90 30.25
CA ALA B 298 0.09 -5.06 31.44
C ALA B 298 -1.21 -5.12 32.24
N ARG B 299 -1.10 -5.48 33.51
CA ARG B 299 -2.19 -5.44 34.47
C ARG B 299 -1.71 -4.73 35.73
N PRO B 300 -2.61 -4.12 36.50
CA PRO B 300 -2.17 -3.39 37.71
C PRO B 300 -1.49 -4.27 38.75
N ASN B 301 -1.73 -5.57 38.75
CA ASN B 301 -1.16 -6.47 39.74
C ASN B 301 -0.08 -7.39 39.18
N CYS B 302 0.06 -7.47 37.86
CA CYS B 302 1.07 -8.31 37.22
C CYS B 302 2.09 -7.41 36.52
N GLY B 303 3.22 -7.19 37.18
CA GLY B 303 4.27 -6.35 36.65
C GLY B 303 4.13 -4.88 36.96
N GLY B 304 3.05 -4.46 37.63
CA GLY B 304 2.85 -3.08 37.97
C GLY B 304 2.57 -2.20 36.77
N ASN B 305 1.69 -2.67 35.88
CA ASN B 305 1.33 -1.94 34.66
C ASN B 305 2.56 -1.64 33.81
N LEU B 306 3.54 -2.54 33.85
CA LEU B 306 4.78 -2.37 33.09
C LEU B 306 5.15 -3.68 32.43
N LEU B 307 5.39 -3.62 31.12
CA LEU B 307 5.84 -4.78 30.38
C LEU B 307 7.31 -5.06 30.67
N GLY B 308 7.72 -6.30 30.44
CA GLY B 308 9.12 -6.66 30.60
C GLY B 308 9.38 -7.95 31.34
N VAL B 309 10.47 -7.99 32.09
CA VAL B 309 10.83 -9.16 32.91
C VAL B 309 11.17 -8.63 34.30
N ARG B 310 10.30 -8.90 35.26
CA ARG B 310 10.45 -8.38 36.61
C ARG B 310 11.15 -9.40 37.49
N THR B 311 12.15 -8.93 38.24
CA THR B 311 12.93 -9.78 39.14
C THR B 311 12.70 -9.37 40.58
N VAL B 312 12.84 -10.33 41.48
CA VAL B 312 12.57 -10.14 42.91
C VAL B 312 13.88 -9.86 43.63
N TYR B 313 13.88 -8.83 44.48
CA TYR B 313 15.04 -8.46 45.25
C TYR B 313 14.73 -8.50 46.75
N VAL B 314 15.76 -8.78 47.54
CA VAL B 314 15.61 -8.95 48.98
C VAL B 314 15.51 -7.61 49.68
N HIS B 315 16.59 -6.85 49.68
CA HIS B 315 16.61 -5.58 50.40
C HIS B 315 15.82 -4.51 49.66
N ALA B 316 15.63 -3.38 50.33
CA ALA B 316 14.73 -2.35 49.79
C ALA B 316 15.31 -1.68 48.55
N ASN B 317 16.64 -1.52 48.48
CA ASN B 317 17.28 -0.83 47.36
C ASN B 317 17.50 -1.76 46.15
N GLN B 318 16.61 -2.73 45.93
CA GLN B 318 16.60 -3.54 44.71
C GLN B 318 17.90 -4.31 44.52
N THR B 319 18.39 -4.93 45.60
CA THR B 319 19.60 -5.74 45.56
C THR B 319 19.37 -7.03 46.33
N GLY B 320 20.04 -8.09 45.89
CA GLY B 320 19.96 -9.37 46.56
C GLY B 320 18.89 -10.30 46.02
N TYR B 321 19.23 -11.59 45.87
CA TYR B 321 18.30 -12.60 45.40
C TYR B 321 17.70 -13.36 46.59
N PRO B 322 16.47 -13.83 46.46
CA PRO B 322 15.83 -14.53 47.58
C PRO B 322 16.59 -15.79 48.00
N ASP B 323 16.32 -16.22 49.23
CA ASP B 323 16.99 -17.37 49.80
C ASP B 323 16.63 -18.63 49.01
N PRO B 324 17.55 -19.59 48.90
CA PRO B 324 17.21 -20.88 48.26
C PRO B 324 15.93 -21.51 48.80
N SER B 325 15.69 -21.37 50.10
CA SER B 325 14.51 -21.98 50.71
C SER B 325 13.22 -21.26 50.34
N SER B 326 13.31 -20.02 49.82
CA SER B 326 12.12 -19.30 49.41
C SER B 326 11.39 -20.09 48.32
N ARG B 327 10.07 -20.22 48.47
CA ARG B 327 9.29 -21.11 47.64
C ARG B 327 8.65 -20.32 46.50
N TYR B 328 9.16 -20.54 45.28
CA TYR B 328 8.58 -19.97 44.08
C TYR B 328 8.26 -21.10 43.09
N ASP B 329 8.11 -20.76 41.81
CA ASP B 329 7.84 -21.76 40.80
C ASP B 329 9.12 -22.06 40.02
N ALA B 330 9.03 -23.01 39.09
CA ALA B 330 10.18 -23.49 38.34
C ALA B 330 10.03 -23.07 36.87
N ILE B 331 10.91 -22.17 36.43
CA ILE B 331 10.96 -21.77 35.03
C ILE B 331 11.93 -22.71 34.32
N CYS B 332 11.40 -23.55 33.44
CA CYS B 332 12.11 -24.69 32.88
C CYS B 332 12.42 -24.43 31.40
N TYR B 333 13.61 -24.85 30.97
CA TYR B 333 14.07 -24.64 29.60
C TYR B 333 14.55 -25.96 29.02
N THR B 334 13.97 -26.35 27.89
CA THR B 334 14.38 -27.56 27.18
C THR B 334 15.83 -27.46 26.70
#